data_2Z4W
#
_entry.id   2Z4W
#
_cell.length_a   47.521
_cell.length_b   116.545
_cell.length_c   129.070
_cell.angle_alpha   90.00
_cell.angle_beta   90.00
_cell.angle_gamma   90.00
#
_symmetry.space_group_name_H-M   'P 21 21 21'
#
loop_
_entity.id
_entity.type
_entity.pdbx_description
1 polymer 'Geranylgeranyl pyrophosphate synthetase'
2 non-polymer 'MAGNESIUM ION'
3 non-polymer '[(6E,11E)-2,6,12,16-tetramethylheptadeca-2,6,11,15-tetraene-9,9-diyl]bis(phosphonic acid)'
4 water water
#
_entity_poly.entity_id   1
_entity_poly.type   'polypeptide(L)'
_entity_poly.pdbx_seq_one_letter_code
;MTKNKMEAKIDELINNDPVWSSQNESLISKPYNHILLKPGKNFRLNLIVQINRVMNLPKDQLAIVSQIVELLHNSSLLID
DIEDNAPLRRGQTTSHLIFGVPSTINTANYMYFRAMQLVSQLTTKEPLYHNLITIFNEELINLHRGQGLDIYWRDFLPEI
IPTQEMYLNMVMNKTGGLFRLTLRLMEALSPSSHHGHSLVPFINLLGIIYQIRDDYLNLKDFQMSSEKGFAEDITEGKLS
FPIVHALNFTKTKGQTEQHNEILRILLLRTSDKDIKLKLIQILEFDTNSLAYTKNFINQLVNMIKNDNENKYLPDLASHS
DTATNLHDELLYIIDHLSEL
;
_entity_poly.pdbx_strand_id   A,B
#
# COMPACT_ATOMS: atom_id res chain seq x y z
N ASN A 4 -7.55 32.71 22.99
CA ASN A 4 -6.31 32.55 23.80
C ASN A 4 -6.14 31.16 24.43
N LYS A 5 -7.24 30.54 24.84
CA LYS A 5 -7.12 29.20 25.42
C LYS A 5 -7.03 28.20 24.29
N MET A 6 -7.77 28.46 23.22
CA MET A 6 -7.78 27.60 22.04
C MET A 6 -6.42 27.72 21.40
N GLU A 7 -6.00 28.97 21.24
CA GLU A 7 -4.72 29.35 20.64
C GLU A 7 -3.54 28.67 21.35
N ALA A 8 -3.69 28.45 22.65
CA ALA A 8 -2.65 27.81 23.45
C ALA A 8 -2.71 26.30 23.27
N LYS A 9 -3.93 25.78 23.18
CA LYS A 9 -4.13 24.35 23.00
C LYS A 9 -3.56 23.95 21.64
N ILE A 10 -3.74 24.83 20.65
CA ILE A 10 -3.25 24.61 19.29
C ILE A 10 -1.74 24.76 19.27
N ASP A 11 -1.27 25.84 19.88
CA ASP A 11 0.13 26.12 19.95
C ASP A 11 0.83 24.90 20.53
N GLU A 12 0.22 24.28 21.54
CA GLU A 12 0.80 23.11 22.18
C GLU A 12 0.86 21.94 21.18
N LEU A 13 -0.22 21.77 20.43
CA LEU A 13 -0.36 20.72 19.45
C LEU A 13 0.70 20.79 18.37
N ILE A 14 0.64 21.86 17.57
CA ILE A 14 1.54 22.07 16.47
C ILE A 14 3.02 22.05 16.85
N ASN A 15 3.33 22.19 18.14
CA ASN A 15 4.73 22.17 18.56
C ASN A 15 5.15 20.88 19.21
N ASN A 16 4.30 19.87 19.12
CA ASN A 16 4.62 18.57 19.68
C ASN A 16 4.49 17.53 18.56
N ASP A 17 4.97 16.32 18.79
CA ASP A 17 4.85 15.28 17.77
C ASP A 17 3.42 14.84 17.70
N PRO A 18 3.03 14.23 16.58
CA PRO A 18 1.62 13.84 16.62
C PRO A 18 1.34 12.78 17.68
N VAL A 19 0.20 12.91 18.32
CA VAL A 19 -0.26 12.00 19.37
C VAL A 19 -0.78 10.64 18.86
N TRP A 20 -0.25 9.56 19.40
CA TRP A 20 -0.68 8.23 19.00
C TRP A 20 -0.62 7.34 20.21
N SER A 21 -1.78 6.88 20.66
CA SER A 21 -1.87 6.00 21.82
C SER A 21 -1.71 4.53 21.44
N SER A 22 -1.52 3.68 22.45
CA SER A 22 -1.37 2.25 22.22
C SER A 22 -2.73 1.65 21.86
N GLN A 23 -3.81 2.32 22.25
CA GLN A 23 -5.13 1.82 21.92
C GLN A 23 -5.27 2.01 20.41
N ASN A 24 -4.90 3.19 19.94
CA ASN A 24 -4.96 3.47 18.51
C ASN A 24 -4.20 2.36 17.77
N GLU A 25 -2.98 2.10 18.22
CA GLU A 25 -2.13 1.09 17.64
C GLU A 25 -2.90 -0.24 17.59
N SER A 26 -3.53 -0.61 18.70
CA SER A 26 -4.30 -1.84 18.74
C SER A 26 -5.44 -1.79 17.74
N LEU A 27 -6.16 -0.66 17.72
CA LEU A 27 -7.31 -0.54 16.82
C LEU A 27 -6.96 -0.77 15.37
N ILE A 28 -5.92 -0.15 14.89
CA ILE A 28 -5.57 -0.30 13.50
C ILE A 28 -4.74 -1.53 13.17
N SER A 29 -4.53 -2.42 14.13
CA SER A 29 -3.75 -3.62 13.87
C SER A 29 -4.64 -4.86 13.76
N LYS A 30 -5.94 -4.66 13.83
CA LYS A 30 -6.86 -5.80 13.76
C LYS A 30 -6.73 -6.68 12.50
N PRO A 31 -6.67 -6.08 11.29
CA PRO A 31 -6.56 -6.94 10.11
C PRO A 31 -5.32 -7.79 10.13
N TYR A 32 -4.22 -7.21 10.62
CA TYR A 32 -2.95 -7.91 10.72
C TYR A 32 -2.98 -9.01 11.81
N ASN A 33 -3.42 -8.69 13.02
CA ASN A 33 -3.48 -9.71 14.06
C ASN A 33 -4.32 -10.91 13.63
N HIS A 34 -5.28 -10.65 12.76
CA HIS A 34 -6.14 -11.72 12.32
C HIS A 34 -5.37 -12.77 11.56
N ILE A 35 -4.59 -12.34 10.58
CA ILE A 35 -3.82 -13.26 9.77
C ILE A 35 -2.70 -13.95 10.53
N LEU A 36 -2.23 -13.34 11.61
CA LEU A 36 -1.19 -13.98 12.41
C LEU A 36 -1.64 -15.35 12.87
N LEU A 37 -2.90 -15.46 13.27
CA LEU A 37 -3.49 -16.72 13.73
C LEU A 37 -3.63 -17.74 12.59
N LYS A 38 -2.67 -17.76 11.68
CA LYS A 38 -2.70 -18.68 10.54
C LYS A 38 -1.34 -19.39 10.29
N ASN A 42 5.90 -20.70 10.95
CA ASN A 42 6.94 -21.61 11.52
C ASN A 42 7.85 -22.17 10.44
N PHE A 43 7.26 -22.48 9.29
CA PHE A 43 8.03 -23.01 8.17
C PHE A 43 8.80 -21.89 7.48
N ARG A 44 8.43 -20.65 7.78
CA ARG A 44 9.12 -19.49 7.22
C ARG A 44 10.39 -19.27 8.05
N LEU A 45 10.42 -19.83 9.26
CA LEU A 45 11.57 -19.70 10.16
C LEU A 45 12.48 -20.92 10.07
N ASN A 46 11.99 -21.97 9.43
CA ASN A 46 12.77 -23.18 9.25
C ASN A 46 13.75 -22.93 8.12
N LEU A 47 13.30 -22.17 7.12
CA LEU A 47 14.14 -21.82 5.99
C LEU A 47 15.21 -20.81 6.45
N ILE A 48 14.84 -19.93 7.36
CA ILE A 48 15.74 -18.91 7.89
C ILE A 48 16.80 -19.53 8.80
N VAL A 49 16.41 -20.53 9.59
CA VAL A 49 17.34 -21.19 10.50
C VAL A 49 18.32 -22.08 9.75
N GLN A 50 17.87 -22.61 8.62
CA GLN A 50 18.71 -23.49 7.80
C GLN A 50 19.71 -22.64 7.05
N ILE A 51 19.19 -21.66 6.33
CA ILE A 51 20.03 -20.76 5.57
C ILE A 51 21.11 -20.24 6.50
N ASN A 52 20.71 -19.94 7.74
CA ASN A 52 21.65 -19.41 8.72
C ASN A 52 22.75 -20.37 9.09
N ARG A 53 22.47 -21.67 9.00
CA ARG A 53 23.50 -22.65 9.31
C ARG A 53 24.72 -22.28 8.48
N VAL A 54 24.47 -21.67 7.33
CA VAL A 54 25.53 -21.27 6.41
C VAL A 54 25.99 -19.80 6.56
N MET A 55 25.05 -18.93 6.92
CA MET A 55 25.35 -17.52 7.08
C MET A 55 26.00 -17.13 8.41
N ASN A 56 25.68 -17.89 9.46
CA ASN A 56 26.20 -17.68 10.82
C ASN A 56 25.89 -16.33 11.48
N LEU A 57 24.62 -15.95 11.50
CA LEU A 57 24.21 -14.70 12.11
C LEU A 57 23.89 -14.90 13.57
N PRO A 58 24.30 -13.95 14.44
CA PRO A 58 23.99 -14.11 15.87
C PRO A 58 22.47 -14.14 15.98
N LYS A 59 21.94 -15.04 16.79
CA LYS A 59 20.49 -15.15 16.92
C LYS A 59 19.78 -13.86 17.32
N ASP A 60 20.53 -12.89 17.83
CA ASP A 60 19.90 -11.62 18.18
C ASP A 60 19.44 -10.95 16.88
N GLN A 61 20.35 -10.87 15.91
CA GLN A 61 20.05 -10.26 14.63
C GLN A 61 19.13 -11.13 13.77
N LEU A 62 19.23 -12.44 13.92
CA LEU A 62 18.39 -13.34 13.13
C LEU A 62 16.92 -13.18 13.50
N ALA A 63 16.67 -12.77 14.74
CA ALA A 63 15.31 -12.58 15.21
C ALA A 63 14.71 -11.38 14.48
N ILE A 64 15.46 -10.29 14.45
CA ILE A 64 15.02 -9.07 13.78
C ILE A 64 14.83 -9.32 12.27
N VAL A 65 15.60 -10.26 11.73
CA VAL A 65 15.45 -10.58 10.32
C VAL A 65 14.13 -11.32 10.14
N SER A 66 13.90 -12.28 11.01
CA SER A 66 12.68 -13.08 10.97
C SER A 66 11.44 -12.17 11.13
N GLN A 67 11.56 -11.13 11.94
CA GLN A 67 10.44 -10.22 12.18
C GLN A 67 10.11 -9.34 10.98
N ILE A 68 11.14 -8.92 10.26
CA ILE A 68 10.99 -8.07 9.10
C ILE A 68 10.29 -8.85 8.00
N VAL A 69 10.80 -10.03 7.73
CA VAL A 69 10.25 -10.88 6.71
C VAL A 69 8.78 -11.29 6.98
N GLU A 70 8.45 -11.58 8.25
CA GLU A 70 7.07 -11.98 8.55
C GLU A 70 6.12 -10.81 8.30
N LEU A 71 6.49 -9.62 8.76
CA LEU A 71 5.66 -8.45 8.55
C LEU A 71 5.46 -8.25 7.07
N LEU A 72 6.55 -8.26 6.33
CA LEU A 72 6.48 -8.08 4.90
C LEU A 72 5.65 -9.18 4.28
N HIS A 73 5.81 -10.40 4.77
CA HIS A 73 5.08 -11.53 4.23
C HIS A 73 3.61 -11.46 4.56
N ASN A 74 3.28 -11.34 5.84
CA ASN A 74 1.88 -11.30 6.23
C ASN A 74 1.15 -10.13 5.63
N SER A 75 1.86 -9.03 5.42
CA SER A 75 1.25 -7.83 4.83
C SER A 75 0.92 -8.11 3.37
N SER A 76 1.86 -8.76 2.68
CA SER A 76 1.72 -9.15 1.29
C SER A 76 0.47 -10.01 1.12
N LEU A 77 0.27 -10.94 2.04
CA LEU A 77 -0.87 -11.81 1.96
C LEU A 77 -2.15 -11.02 2.20
N LEU A 78 -2.14 -10.08 3.14
CA LEU A 78 -3.34 -9.30 3.37
C LEU A 78 -3.77 -8.62 2.07
N ILE A 79 -2.80 -8.05 1.37
CA ILE A 79 -3.09 -7.35 0.13
C ILE A 79 -3.37 -8.25 -1.06
N ASP A 80 -2.57 -9.30 -1.22
CA ASP A 80 -2.79 -10.20 -2.33
C ASP A 80 -4.21 -10.73 -2.27
N ASP A 81 -4.72 -10.90 -1.05
CA ASP A 81 -6.07 -11.41 -0.94
C ASP A 81 -7.11 -10.42 -1.45
N ILE A 82 -6.90 -9.13 -1.20
CA ILE A 82 -7.82 -8.13 -1.69
C ILE A 82 -7.77 -8.21 -3.23
N GLU A 83 -6.55 -8.07 -3.76
CA GLU A 83 -6.30 -8.09 -5.18
C GLU A 83 -6.83 -9.30 -5.94
N ASP A 84 -6.86 -10.45 -5.28
CA ASP A 84 -7.31 -11.70 -5.87
C ASP A 84 -8.75 -12.04 -5.48
N ASN A 85 -9.38 -11.16 -4.70
CA ASN A 85 -10.75 -11.39 -4.22
C ASN A 85 -10.87 -12.79 -3.54
N ALA A 86 -9.89 -13.12 -2.71
CA ALA A 86 -9.89 -14.41 -2.01
C ALA A 86 -10.81 -14.45 -0.78
N PRO A 87 -11.62 -15.49 -0.65
CA PRO A 87 -12.51 -15.56 0.50
C PRO A 87 -11.89 -16.24 1.73
N LEU A 88 -10.95 -17.15 1.52
CA LEU A 88 -10.32 -17.84 2.63
C LEU A 88 -8.82 -17.82 2.44
N ARG A 89 -8.10 -17.86 3.57
CA ARG A 89 -6.65 -17.89 3.60
C ARG A 89 -6.38 -18.81 4.79
N ARG A 90 -5.68 -19.92 4.54
CA ARG A 90 -5.36 -20.85 5.62
C ARG A 90 -6.66 -21.25 6.37
N GLY A 91 -7.63 -21.80 5.65
CA GLY A 91 -8.87 -22.20 6.30
C GLY A 91 -9.44 -21.19 7.31
N GLN A 92 -9.52 -19.93 6.89
CA GLN A 92 -10.03 -18.86 7.75
C GLN A 92 -10.46 -17.71 6.84
N THR A 93 -11.48 -16.98 7.24
CA THR A 93 -11.93 -15.84 6.43
C THR A 93 -10.81 -14.81 6.30
N THR A 94 -10.64 -14.28 5.09
CA THR A 94 -9.61 -13.29 4.86
C THR A 94 -9.96 -12.01 5.60
N SER A 95 -8.97 -11.28 6.08
CA SER A 95 -9.22 -10.04 6.81
C SER A 95 -10.11 -8.99 6.12
N HIS A 96 -9.96 -8.78 4.82
CA HIS A 96 -10.74 -7.75 4.18
C HIS A 96 -12.25 -8.04 4.21
N LEU A 97 -12.62 -9.28 4.44
CA LEU A 97 -14.03 -9.61 4.51
C LEU A 97 -14.61 -9.35 5.90
N ILE A 98 -13.74 -9.26 6.90
CA ILE A 98 -14.17 -9.06 8.27
C ILE A 98 -14.12 -7.58 8.59
N PHE A 99 -12.92 -7.01 8.49
CA PHE A 99 -12.68 -5.60 8.79
C PHE A 99 -12.88 -4.64 7.65
N GLY A 100 -13.05 -5.16 6.43
CA GLY A 100 -13.24 -4.29 5.28
C GLY A 100 -11.97 -4.01 4.49
N VAL A 101 -12.13 -3.76 3.18
CA VAL A 101 -11.00 -3.46 2.30
C VAL A 101 -10.26 -2.19 2.71
N PRO A 102 -10.98 -1.14 3.07
CA PRO A 102 -10.24 0.06 3.44
C PRO A 102 -9.25 -0.16 4.61
N SER A 103 -9.73 -0.68 5.74
CA SER A 103 -8.84 -0.91 6.88
C SER A 103 -7.76 -1.94 6.54
N THR A 104 -8.09 -2.95 5.74
CA THR A 104 -7.09 -3.93 5.43
C THR A 104 -5.95 -3.35 4.59
N ILE A 105 -6.27 -2.54 3.58
CA ILE A 105 -5.20 -1.94 2.78
C ILE A 105 -4.31 -1.05 3.67
N ASN A 106 -4.92 -0.18 4.45
CA ASN A 106 -4.13 0.70 5.27
C ASN A 106 -3.22 -0.02 6.26
N THR A 107 -3.75 -1.04 6.93
CA THR A 107 -2.96 -1.77 7.91
C THR A 107 -1.77 -2.50 7.29
N ALA A 108 -2.02 -3.12 6.16
CA ALA A 108 -1.00 -3.85 5.45
C ALA A 108 0.10 -2.88 4.98
N ASN A 109 -0.29 -1.78 4.36
CA ASN A 109 0.71 -0.82 3.89
C ASN A 109 1.44 -0.22 5.09
N TYR A 110 0.74 -0.11 6.22
CA TYR A 110 1.36 0.44 7.43
C TYR A 110 2.45 -0.51 7.95
N MET A 111 2.17 -1.81 7.96
CA MET A 111 3.13 -2.78 8.42
C MET A 111 4.36 -2.83 7.49
N TYR A 112 4.22 -2.39 6.25
CA TYR A 112 5.36 -2.34 5.33
C TYR A 112 6.36 -1.35 5.90
N PHE A 113 5.85 -0.24 6.43
CA PHE A 113 6.75 0.75 6.98
C PHE A 113 7.24 0.42 8.37
N ARG A 114 6.49 -0.39 9.13
CA ARG A 114 6.98 -0.76 10.45
C ARG A 114 8.17 -1.68 10.17
N ALA A 115 8.00 -2.53 9.16
CA ALA A 115 9.04 -3.44 8.76
C ALA A 115 10.28 -2.63 8.38
N MET A 116 10.11 -1.64 7.52
CA MET A 116 11.22 -0.80 7.08
C MET A 116 11.90 -0.14 8.29
N GLN A 117 11.12 0.21 9.29
CA GLN A 117 11.63 0.85 10.48
C GLN A 117 12.58 -0.06 11.27
N LEU A 118 12.24 -1.34 11.37
CA LEU A 118 13.08 -2.31 12.10
C LEU A 118 14.50 -2.52 11.52
N VAL A 119 14.73 -2.11 10.28
CA VAL A 119 16.05 -2.31 9.71
C VAL A 119 17.09 -1.56 10.52
N SER A 120 16.70 -0.43 11.10
CA SER A 120 17.61 0.34 11.92
C SER A 120 18.19 -0.49 13.03
N GLN A 121 17.45 -1.52 13.43
CA GLN A 121 17.89 -2.37 14.52
C GLN A 121 18.87 -3.47 14.18
N LEU A 122 19.29 -3.55 12.93
CA LEU A 122 20.23 -4.60 12.57
C LEU A 122 21.67 -4.20 12.77
N THR A 123 21.96 -2.91 12.67
CA THR A 123 23.32 -2.42 12.82
C THR A 123 23.36 -0.98 13.26
N THR A 124 24.57 -0.51 13.53
CA THR A 124 24.81 0.87 13.89
C THR A 124 25.67 1.39 12.74
N LYS A 125 26.30 0.45 12.03
CA LYS A 125 27.18 0.76 10.90
C LYS A 125 26.44 1.48 9.77
N GLU A 126 26.80 2.73 9.50
CA GLU A 126 26.16 3.48 8.44
C GLU A 126 26.30 2.89 7.04
N PRO A 127 27.49 2.34 6.70
CA PRO A 127 27.71 1.73 5.38
C PRO A 127 26.81 0.49 5.21
N LEU A 128 26.79 -0.35 6.24
CA LEU A 128 26.00 -1.56 6.23
C LEU A 128 24.52 -1.20 6.14
N TYR A 129 24.06 -0.35 7.06
CA TYR A 129 22.66 0.05 7.09
C TYR A 129 22.13 0.40 5.72
N HIS A 130 22.92 1.20 4.98
CA HIS A 130 22.56 1.64 3.64
C HIS A 130 22.43 0.47 2.67
N ASN A 131 23.28 -0.53 2.82
CA ASN A 131 23.16 -1.66 1.92
C ASN A 131 21.84 -2.33 2.22
N LEU A 132 21.58 -2.51 3.50
CA LEU A 132 20.36 -3.14 3.96
C LEU A 132 19.11 -2.44 3.38
N ILE A 133 18.96 -1.14 3.63
CA ILE A 133 17.81 -0.41 3.10
C ILE A 133 17.70 -0.59 1.58
N THR A 134 18.83 -0.55 0.89
CA THR A 134 18.82 -0.75 -0.55
C THR A 134 18.27 -2.15 -0.90
N ILE A 135 18.77 -3.20 -0.26
CA ILE A 135 18.26 -4.52 -0.54
C ILE A 135 16.73 -4.52 -0.31
N PHE A 136 16.33 -3.96 0.84
CA PHE A 136 14.93 -3.86 1.22
C PHE A 136 14.15 -3.16 0.11
N ASN A 137 14.70 -2.05 -0.37
CA ASN A 137 14.05 -1.28 -1.42
C ASN A 137 13.95 -2.07 -2.74
N GLU A 138 15.08 -2.58 -3.21
CA GLU A 138 15.13 -3.31 -4.47
C GLU A 138 14.20 -4.51 -4.53
N GLU A 139 14.24 -5.37 -3.51
CA GLU A 139 13.36 -6.53 -3.52
C GLU A 139 11.87 -6.16 -3.36
N LEU A 140 11.55 -5.04 -2.73
CA LEU A 140 10.16 -4.66 -2.64
C LEU A 140 9.73 -4.08 -4.00
N ILE A 141 10.65 -3.43 -4.69
CA ILE A 141 10.33 -2.89 -6.01
C ILE A 141 10.12 -4.06 -6.94
N ASN A 142 10.94 -5.11 -6.79
CA ASN A 142 10.80 -6.28 -7.65
C ASN A 142 9.47 -6.98 -7.37
N LEU A 143 9.13 -7.09 -6.09
CA LEU A 143 7.90 -7.74 -5.70
C LEU A 143 6.71 -7.06 -6.38
N HIS A 144 6.60 -5.74 -6.29
CA HIS A 144 5.47 -5.05 -6.90
C HIS A 144 5.41 -5.13 -8.43
N ARG A 145 6.56 -5.27 -9.07
CA ARG A 145 6.59 -5.39 -10.52
C ARG A 145 5.95 -6.69 -10.98
N GLY A 146 6.38 -7.79 -10.38
CA GLY A 146 5.83 -9.08 -10.76
C GLY A 146 4.33 -9.17 -10.49
N GLN A 147 3.94 -8.66 -9.33
CA GLN A 147 2.57 -8.67 -8.89
C GLN A 147 1.74 -7.81 -9.86
N GLY A 148 2.32 -6.70 -10.34
CA GLY A 148 1.63 -5.83 -11.28
C GLY A 148 1.36 -6.55 -12.58
N LEU A 149 2.31 -7.35 -13.04
CA LEU A 149 2.10 -8.13 -14.27
C LEU A 149 1.07 -9.24 -14.04
N ASP A 150 1.27 -10.05 -13.02
CA ASP A 150 0.30 -11.11 -12.80
C ASP A 150 -1.12 -10.53 -12.76
N ILE A 151 -1.29 -9.41 -12.06
CA ILE A 151 -2.58 -8.75 -11.98
C ILE A 151 -3.01 -8.18 -13.36
N TYR A 152 -2.10 -7.52 -14.07
CA TYR A 152 -2.52 -6.97 -15.36
C TYR A 152 -2.96 -8.07 -16.31
N TRP A 153 -2.12 -9.08 -16.47
CA TRP A 153 -2.47 -10.18 -17.35
C TRP A 153 -3.85 -10.71 -17.04
N ARG A 154 -4.13 -10.89 -15.76
CA ARG A 154 -5.40 -11.45 -15.30
C ARG A 154 -6.59 -10.58 -15.54
N ASP A 155 -6.48 -9.34 -15.10
CA ASP A 155 -7.60 -8.43 -15.23
C ASP A 155 -7.84 -7.89 -16.63
N PHE A 156 -6.92 -8.12 -17.56
CA PHE A 156 -7.12 -7.62 -18.92
C PHE A 156 -7.11 -8.68 -19.97
N LEU A 157 -7.11 -9.93 -19.52
CA LEU A 157 -7.16 -11.04 -20.46
C LEU A 157 -8.36 -10.72 -21.38
N PRO A 158 -8.25 -11.02 -22.69
CA PRO A 158 -7.08 -11.61 -23.36
C PRO A 158 -6.09 -10.61 -23.97
N GLU A 159 -6.03 -9.38 -23.47
CA GLU A 159 -5.10 -8.41 -24.03
C GLU A 159 -3.69 -8.98 -24.24
N ILE A 160 -3.22 -9.74 -23.26
CA ILE A 160 -1.90 -10.31 -23.36
C ILE A 160 -1.90 -11.76 -22.88
N ILE A 161 -1.46 -12.69 -23.73
CA ILE A 161 -1.36 -14.09 -23.37
C ILE A 161 0.15 -14.27 -23.14
N PRO A 162 0.59 -14.31 -21.87
CA PRO A 162 2.01 -14.47 -21.55
C PRO A 162 2.55 -15.80 -22.04
N THR A 163 3.83 -15.86 -22.39
CA THR A 163 4.46 -17.09 -22.84
C THR A 163 5.21 -17.67 -21.63
N GLN A 164 5.69 -18.90 -21.74
CA GLN A 164 6.40 -19.50 -20.62
C GLN A 164 7.54 -18.61 -20.15
N GLU A 165 8.16 -17.90 -21.08
CA GLU A 165 9.27 -17.02 -20.70
C GLU A 165 8.76 -15.81 -19.91
N MET A 166 7.74 -15.13 -20.43
CA MET A 166 7.22 -13.99 -19.72
C MET A 166 6.74 -14.35 -18.32
N TYR A 167 6.07 -15.50 -18.17
CA TYR A 167 5.56 -15.92 -16.87
C TYR A 167 6.70 -16.10 -15.87
N LEU A 168 7.79 -16.67 -16.36
CA LEU A 168 8.95 -16.95 -15.53
C LEU A 168 9.65 -15.66 -15.12
N ASN A 169 9.59 -14.64 -15.96
CA ASN A 169 10.25 -13.40 -15.55
C ASN A 169 9.37 -12.80 -14.46
N MET A 170 8.07 -12.93 -14.64
CA MET A 170 7.14 -12.41 -13.66
C MET A 170 7.44 -13.10 -12.32
N VAL A 171 7.61 -14.42 -12.33
CA VAL A 171 7.90 -15.13 -11.08
C VAL A 171 9.23 -14.71 -10.46
N MET A 172 10.24 -14.49 -11.30
CA MET A 172 11.53 -14.06 -10.80
C MET A 172 11.34 -12.73 -10.02
N ASN A 173 10.44 -11.89 -10.49
CA ASN A 173 10.18 -10.63 -9.81
C ASN A 173 9.34 -10.82 -8.55
N LYS A 174 8.17 -11.42 -8.70
CA LYS A 174 7.24 -11.60 -7.59
C LYS A 174 7.66 -12.56 -6.51
N THR A 175 7.74 -13.85 -6.80
CA THR A 175 8.17 -14.80 -5.78
C THR A 175 9.60 -14.56 -5.39
N GLY A 176 10.48 -14.53 -6.40
CA GLY A 176 11.89 -14.29 -6.17
C GLY A 176 12.06 -13.09 -5.25
N GLY A 177 11.21 -12.09 -5.41
CA GLY A 177 11.28 -10.91 -4.59
C GLY A 177 11.45 -11.22 -3.12
N LEU A 178 10.48 -11.91 -2.53
CA LEU A 178 10.54 -12.24 -1.11
C LEU A 178 11.67 -13.18 -0.74
N PHE A 179 11.90 -14.19 -1.56
CA PHE A 179 12.97 -15.12 -1.29
C PHE A 179 14.34 -14.42 -1.31
N ARG A 180 14.57 -13.54 -2.28
CA ARG A 180 15.84 -12.83 -2.39
C ARG A 180 16.04 -11.82 -1.26
N LEU A 181 14.94 -11.20 -0.83
CA LEU A 181 15.05 -10.25 0.24
C LEU A 181 15.63 -10.93 1.48
N THR A 182 15.00 -12.02 1.91
CA THR A 182 15.46 -12.71 3.09
C THR A 182 16.93 -13.11 3.01
N LEU A 183 17.31 -13.75 1.92
CA LEU A 183 18.67 -14.21 1.75
C LEU A 183 19.66 -13.08 1.56
N ARG A 184 19.36 -12.12 0.69
CA ARG A 184 20.28 -11.02 0.46
C ARG A 184 20.59 -10.23 1.75
N LEU A 185 19.60 -10.10 2.64
CA LEU A 185 19.83 -9.39 3.91
C LEU A 185 20.79 -10.17 4.78
N MET A 186 20.60 -11.49 4.83
CA MET A 186 21.47 -12.33 5.64
C MET A 186 22.89 -12.32 5.11
N GLU A 187 23.04 -12.36 3.79
CA GLU A 187 24.36 -12.34 3.19
C GLU A 187 25.14 -11.07 3.54
N ALA A 188 24.44 -10.00 3.86
CA ALA A 188 25.11 -8.74 4.20
C ALA A 188 25.46 -8.68 5.69
N LEU A 189 24.74 -9.46 6.50
CA LEU A 189 24.99 -9.45 7.92
C LEU A 189 25.92 -10.59 8.28
N SER A 190 26.06 -11.54 7.37
CA SER A 190 26.93 -12.67 7.61
C SER A 190 28.30 -12.19 8.00
N PRO A 191 28.82 -12.69 9.12
CA PRO A 191 30.13 -12.33 9.63
C PRO A 191 31.21 -13.01 8.78
N SER A 192 30.85 -14.18 8.25
CA SER A 192 31.75 -14.98 7.40
C SER A 192 32.11 -14.27 6.10
N GLY A 196 30.95 -19.28 0.91
CA GLY A 196 31.30 -19.67 -0.50
C GLY A 196 30.68 -18.75 -1.55
N HIS A 197 30.01 -19.34 -2.54
CA HIS A 197 29.38 -18.56 -3.60
C HIS A 197 28.02 -18.04 -3.10
N SER A 198 27.49 -17.02 -3.77
CA SER A 198 26.21 -16.44 -3.39
C SER A 198 25.08 -17.44 -3.62
N LEU A 199 24.22 -17.57 -2.61
CA LEU A 199 23.09 -18.48 -2.67
C LEU A 199 21.87 -17.90 -3.37
N VAL A 200 22.03 -16.74 -3.99
CA VAL A 200 20.90 -16.11 -4.68
C VAL A 200 20.36 -16.97 -5.83
N PRO A 201 21.26 -17.54 -6.66
CA PRO A 201 20.82 -18.38 -7.78
C PRO A 201 19.96 -19.53 -7.30
N PHE A 202 20.37 -20.11 -6.19
CA PHE A 202 19.67 -21.21 -5.58
C PHE A 202 18.29 -20.81 -5.04
N ILE A 203 18.21 -19.64 -4.40
CA ILE A 203 16.97 -19.18 -3.82
C ILE A 203 16.00 -18.78 -4.94
N ASN A 204 16.55 -18.34 -6.08
CA ASN A 204 15.69 -17.97 -7.21
C ASN A 204 15.03 -19.24 -7.75
N LEU A 205 15.80 -20.32 -7.82
CA LEU A 205 15.29 -21.58 -8.31
C LEU A 205 14.27 -22.12 -7.30
N LEU A 206 14.53 -21.91 -6.02
CA LEU A 206 13.60 -22.37 -4.99
C LEU A 206 12.29 -21.58 -5.13
N GLY A 207 12.39 -20.31 -5.51
CA GLY A 207 11.22 -19.47 -5.69
C GLY A 207 10.39 -19.90 -6.89
N ILE A 208 11.06 -20.21 -7.98
CA ILE A 208 10.34 -20.65 -9.18
C ILE A 208 9.65 -22.00 -8.91
N ILE A 209 10.37 -22.95 -8.32
CA ILE A 209 9.76 -24.26 -8.04
C ILE A 209 8.55 -24.02 -7.14
N TYR A 210 8.70 -23.22 -6.10
CA TYR A 210 7.61 -22.94 -5.17
C TYR A 210 6.34 -22.44 -5.87
N GLN A 211 6.49 -21.43 -6.72
CA GLN A 211 5.37 -20.84 -7.42
C GLN A 211 4.63 -21.77 -8.39
N ILE A 212 5.39 -22.55 -9.16
CA ILE A 212 4.80 -23.48 -10.12
C ILE A 212 4.13 -24.64 -9.38
N ARG A 213 4.66 -25.01 -8.21
CA ARG A 213 4.06 -26.09 -7.44
C ARG A 213 2.75 -25.59 -6.79
N ASP A 214 2.70 -24.30 -6.43
CA ASP A 214 1.53 -23.64 -5.84
C ASP A 214 0.44 -23.62 -6.93
N ASP A 215 0.82 -23.20 -8.13
CA ASP A 215 -0.09 -23.14 -9.26
C ASP A 215 -0.63 -24.55 -9.59
N TYR A 216 0.26 -25.52 -9.53
CA TYR A 216 -0.05 -26.90 -9.85
C TYR A 216 -0.91 -27.60 -8.81
N LEU A 217 -0.49 -27.57 -7.55
CA LEU A 217 -1.29 -28.26 -6.54
C LEU A 217 -2.70 -27.68 -6.45
N ASN A 218 -2.83 -26.38 -6.72
CA ASN A 218 -4.13 -25.72 -6.67
C ASN A 218 -5.15 -26.45 -7.56
N LEU A 219 -4.71 -26.98 -8.70
CA LEU A 219 -5.62 -27.69 -9.62
C LEU A 219 -5.66 -29.19 -9.43
N LYS A 220 -4.53 -29.78 -9.03
CA LYS A 220 -4.45 -31.22 -8.82
C LYS A 220 -5.22 -31.59 -7.55
N ASP A 221 -5.15 -30.74 -6.53
CA ASP A 221 -5.84 -30.99 -5.26
C ASP A 221 -7.36 -31.03 -5.38
N PHE A 222 -7.84 -30.50 -6.51
CA PHE A 222 -9.26 -30.45 -6.80
C PHE A 222 -9.55 -31.75 -7.49
N GLN A 223 -8.91 -31.93 -8.65
CA GLN A 223 -9.05 -33.13 -9.46
C GLN A 223 -9.08 -34.43 -8.63
N PHE A 230 -9.91 -26.06 -3.48
CA PHE A 230 -11.11 -25.98 -4.36
C PHE A 230 -10.88 -25.21 -5.67
N ALA A 231 -9.63 -25.19 -6.12
CA ALA A 231 -9.20 -24.53 -7.36
C ALA A 231 -9.58 -23.05 -7.47
N GLU A 232 -9.32 -22.28 -6.42
CA GLU A 232 -9.64 -20.85 -6.41
C GLU A 232 -8.92 -20.12 -7.54
N ASP A 233 -7.77 -20.64 -7.94
CA ASP A 233 -6.98 -20.03 -9.00
C ASP A 233 -7.76 -19.94 -10.29
N ILE A 234 -8.77 -20.78 -10.45
CA ILE A 234 -9.57 -20.73 -11.66
C ILE A 234 -10.64 -19.68 -11.49
N THR A 235 -11.18 -19.58 -10.28
CA THR A 235 -12.20 -18.59 -9.97
C THR A 235 -11.63 -17.17 -10.12
N GLU A 236 -10.31 -17.07 -9.97
CA GLU A 236 -9.58 -15.80 -10.07
C GLU A 236 -9.28 -15.39 -11.51
N GLY A 237 -8.95 -16.37 -12.35
CA GLY A 237 -8.65 -16.06 -13.73
C GLY A 237 -7.17 -15.98 -13.90
N LYS A 238 -6.46 -16.34 -12.82
CA LYS A 238 -5.01 -16.33 -12.76
C LYS A 238 -4.34 -17.02 -13.95
N LEU A 239 -3.30 -16.40 -14.49
CA LEU A 239 -2.53 -16.98 -15.58
C LEU A 239 -1.46 -17.89 -14.95
N SER A 240 -1.89 -19.02 -14.41
CA SER A 240 -0.94 -19.94 -13.79
C SER A 240 -0.01 -20.62 -14.82
N PHE A 241 1.05 -21.26 -14.33
CA PHE A 241 1.98 -21.97 -15.20
C PHE A 241 1.20 -22.96 -16.09
N PRO A 242 0.30 -23.76 -15.48
CA PRO A 242 -0.50 -24.72 -16.25
C PRO A 242 -1.36 -24.05 -17.33
N ILE A 243 -2.02 -22.96 -16.97
CA ILE A 243 -2.88 -22.23 -17.91
C ILE A 243 -2.07 -21.61 -19.08
N VAL A 244 -0.88 -21.10 -18.79
CA VAL A 244 -0.03 -20.46 -19.79
C VAL A 244 0.42 -21.50 -20.82
N HIS A 245 0.71 -22.71 -20.38
CA HIS A 245 1.13 -23.75 -21.28
C HIS A 245 -0.06 -24.16 -22.13
N ALA A 246 -1.23 -24.29 -21.49
CA ALA A 246 -2.45 -24.68 -22.18
C ALA A 246 -2.78 -23.66 -23.26
N LEU A 247 -2.69 -22.39 -22.93
CA LEU A 247 -3.02 -21.33 -23.87
C LEU A 247 -2.07 -21.26 -25.05
N ASN A 248 -0.77 -21.38 -24.80
CA ASN A 248 0.19 -21.32 -25.90
C ASN A 248 0.18 -22.60 -26.72
N PHE A 249 0.02 -23.74 -26.04
CA PHE A 249 -0.06 -25.04 -26.71
C PHE A 249 -1.24 -24.95 -27.71
N THR A 250 -2.42 -24.59 -27.19
CA THR A 250 -3.62 -24.47 -28.02
C THR A 250 -3.47 -23.51 -29.21
N LYS A 251 -2.84 -22.37 -29.02
CA LYS A 251 -2.68 -21.45 -30.12
C LYS A 251 -1.76 -22.09 -31.17
N THR A 252 -0.70 -22.72 -30.68
CA THR A 252 0.30 -23.38 -31.50
C THR A 252 -0.23 -24.52 -32.37
N LYS A 253 -0.98 -25.43 -31.76
CA LYS A 253 -1.52 -26.56 -32.50
C LYS A 253 -2.80 -26.25 -33.27
N GLY A 254 -3.19 -24.99 -33.31
CA GLY A 254 -4.39 -24.62 -34.04
C GLY A 254 -5.73 -24.92 -33.38
N GLN A 255 -5.73 -25.33 -32.10
CA GLN A 255 -6.97 -25.65 -31.41
C GLN A 255 -7.70 -24.40 -30.97
N THR A 256 -8.41 -23.80 -31.90
CA THR A 256 -9.15 -22.57 -31.65
C THR A 256 -10.25 -22.58 -30.61
N GLU A 257 -11.13 -23.57 -30.69
CA GLU A 257 -12.23 -23.65 -29.74
C GLU A 257 -11.73 -23.92 -28.34
N GLN A 258 -10.74 -24.79 -28.20
CA GLN A 258 -10.19 -25.07 -26.88
C GLN A 258 -9.56 -23.79 -26.29
N HIS A 259 -8.76 -23.10 -27.10
CA HIS A 259 -8.09 -21.86 -26.67
C HIS A 259 -9.11 -20.81 -26.19
N ASN A 260 -10.27 -20.80 -26.84
CA ASN A 260 -11.30 -19.85 -26.48
C ASN A 260 -12.11 -20.28 -25.26
N GLU A 261 -12.35 -21.58 -25.11
CA GLU A 261 -13.11 -22.04 -23.97
C GLU A 261 -12.24 -21.79 -22.72
N ILE A 262 -10.93 -21.96 -22.86
CA ILE A 262 -10.07 -21.68 -21.74
C ILE A 262 -10.23 -20.21 -21.36
N LEU A 263 -10.16 -19.30 -22.34
CA LEU A 263 -10.29 -17.86 -22.06
C LEU A 263 -11.65 -17.48 -21.48
N ARG A 264 -12.70 -18.10 -22.00
CA ARG A 264 -14.06 -17.85 -21.56
C ARG A 264 -14.25 -18.30 -20.12
N ILE A 265 -13.70 -19.46 -19.79
CA ILE A 265 -13.88 -19.96 -18.43
C ILE A 265 -13.11 -19.13 -17.41
N LEU A 266 -11.90 -18.72 -17.79
CA LEU A 266 -11.09 -17.87 -16.93
C LEU A 266 -11.85 -16.58 -16.71
N LEU A 267 -12.48 -16.06 -17.77
CA LEU A 267 -13.22 -14.81 -17.64
C LEU A 267 -14.58 -14.88 -16.91
N LEU A 268 -15.08 -16.07 -16.65
CA LEU A 268 -16.34 -16.16 -15.92
C LEU A 268 -16.21 -15.85 -14.40
N ARG A 269 -15.02 -16.05 -13.84
CA ARG A 269 -14.78 -15.85 -12.42
C ARG A 269 -15.84 -16.67 -11.73
N THR A 270 -16.00 -17.90 -12.21
CA THR A 270 -17.00 -18.80 -11.67
C THR A 270 -16.51 -19.66 -10.49
N SER A 271 -17.46 -20.07 -9.65
CA SER A 271 -17.17 -20.94 -8.53
C SER A 271 -17.91 -22.24 -8.78
N ASP A 272 -18.45 -22.41 -10.00
CA ASP A 272 -19.17 -23.63 -10.30
C ASP A 272 -18.15 -24.80 -10.43
N LYS A 273 -18.25 -25.77 -9.50
CA LYS A 273 -17.34 -26.92 -9.46
C LYS A 273 -17.27 -27.70 -10.77
N ASP A 274 -18.40 -27.87 -11.44
CA ASP A 274 -18.34 -28.61 -12.68
C ASP A 274 -17.64 -27.83 -13.79
N ILE A 275 -17.82 -26.51 -13.82
CA ILE A 275 -17.17 -25.73 -14.84
C ILE A 275 -15.67 -25.77 -14.57
N LYS A 276 -15.28 -25.63 -13.30
CA LYS A 276 -13.85 -25.69 -12.96
C LYS A 276 -13.27 -27.07 -13.28
N LEU A 277 -14.03 -28.13 -13.03
CA LEU A 277 -13.54 -29.47 -13.34
C LEU A 277 -13.35 -29.67 -14.84
N LYS A 278 -14.24 -29.11 -15.65
CA LYS A 278 -14.13 -29.23 -17.11
C LYS A 278 -12.81 -28.62 -17.61
N LEU A 279 -12.51 -27.44 -17.11
CA LEU A 279 -11.30 -26.72 -17.48
C LEU A 279 -10.09 -27.57 -17.20
N ILE A 280 -10.02 -28.07 -15.96
CA ILE A 280 -8.93 -28.91 -15.51
C ILE A 280 -8.79 -30.15 -16.40
N GLN A 281 -9.89 -30.81 -16.75
CA GLN A 281 -9.76 -31.99 -17.60
C GLN A 281 -9.31 -31.58 -19.01
N ILE A 282 -9.52 -30.33 -19.36
CA ILE A 282 -9.04 -29.87 -20.64
C ILE A 282 -7.51 -29.86 -20.50
N LEU A 283 -7.00 -29.29 -19.40
CA LEU A 283 -5.55 -29.26 -19.20
C LEU A 283 -4.95 -30.67 -18.96
N GLU A 284 -5.80 -31.65 -18.64
CA GLU A 284 -5.35 -33.01 -18.39
C GLU A 284 -5.32 -33.90 -19.64
N PHE A 285 -6.38 -33.89 -20.44
CA PHE A 285 -6.41 -34.75 -21.64
C PHE A 285 -6.19 -34.01 -22.96
N ASP A 286 -6.64 -32.77 -23.05
CA ASP A 286 -6.52 -32.03 -24.30
C ASP A 286 -5.16 -31.38 -24.53
N THR A 287 -4.63 -30.67 -23.53
CA THR A 287 -3.37 -29.98 -23.71
C THR A 287 -2.21 -30.64 -22.98
N ASN A 288 -2.53 -31.56 -22.06
CA ASN A 288 -1.54 -32.27 -21.26
C ASN A 288 -0.69 -31.29 -20.49
N SER A 289 -1.33 -30.21 -20.03
CA SER A 289 -0.67 -29.17 -19.26
C SER A 289 -0.33 -29.62 -17.86
N LEU A 290 -1.18 -30.45 -17.25
CA LEU A 290 -0.90 -30.94 -15.91
C LEU A 290 0.37 -31.81 -15.94
N ALA A 291 0.46 -32.71 -16.89
CA ALA A 291 1.64 -33.56 -17.01
C ALA A 291 2.87 -32.70 -17.30
N TYR A 292 2.74 -31.80 -18.28
CA TYR A 292 3.85 -30.95 -18.64
C TYR A 292 4.43 -30.29 -17.42
N THR A 293 3.55 -29.68 -16.63
CA THR A 293 3.93 -28.96 -15.42
C THR A 293 4.58 -29.85 -14.39
N LYS A 294 4.01 -31.04 -14.19
CA LYS A 294 4.57 -31.98 -13.24
C LYS A 294 6.02 -32.25 -13.60
N ASN A 295 6.22 -32.57 -14.87
CA ASN A 295 7.54 -32.85 -15.37
C ASN A 295 8.43 -31.64 -15.17
N PHE A 296 7.93 -30.48 -15.57
CA PHE A 296 8.69 -29.24 -15.46
C PHE A 296 9.16 -29.04 -14.01
N ILE A 297 8.31 -29.40 -13.06
CA ILE A 297 8.71 -29.26 -11.68
C ILE A 297 9.80 -30.26 -11.32
N ASN A 298 9.62 -31.51 -11.70
CA ASN A 298 10.60 -32.55 -11.41
C ASN A 298 11.97 -32.20 -11.97
N GLN A 299 11.98 -31.73 -13.21
CA GLN A 299 13.25 -31.37 -13.83
C GLN A 299 13.94 -30.32 -13.00
N LEU A 300 13.17 -29.33 -12.54
CA LEU A 300 13.74 -28.25 -11.74
C LEU A 300 14.35 -28.77 -10.45
N VAL A 301 13.64 -29.69 -9.80
CA VAL A 301 14.11 -30.28 -8.56
C VAL A 301 15.35 -31.10 -8.85
N ASN A 302 15.34 -31.82 -9.97
CA ASN A 302 16.49 -32.63 -10.31
C ASN A 302 17.70 -31.73 -10.51
N MET A 303 17.48 -30.50 -10.96
CA MET A 303 18.60 -29.59 -11.16
C MET A 303 19.32 -29.33 -9.87
N ILE A 304 18.63 -29.50 -8.74
CA ILE A 304 19.25 -29.30 -7.45
C ILE A 304 19.80 -30.64 -7.00
N LYS A 305 18.91 -31.61 -6.85
CA LYS A 305 19.27 -32.96 -6.45
C LYS A 305 20.43 -33.53 -7.28
N ASN A 306 20.65 -32.99 -8.46
CA ASN A 306 21.73 -33.47 -9.31
C ASN A 306 22.79 -32.39 -9.53
N ASP A 307 23.05 -31.59 -8.49
CA ASP A 307 24.04 -30.52 -8.55
C ASP A 307 25.42 -30.95 -8.06
N ASN B 4 18.76 -30.49 -20.52
CA ASN B 4 19.83 -29.97 -21.43
C ASN B 4 19.53 -28.55 -21.89
N LYS B 5 18.56 -28.40 -22.80
CA LYS B 5 18.21 -27.09 -23.31
C LYS B 5 17.35 -26.31 -22.34
N MET B 6 16.51 -27.03 -21.59
CA MET B 6 15.65 -26.40 -20.61
C MET B 6 16.56 -26.04 -19.45
N GLU B 7 17.46 -26.94 -19.09
CA GLU B 7 18.40 -26.68 -18.01
C GLU B 7 19.18 -25.40 -18.32
N ALA B 8 19.54 -25.23 -19.60
CA ALA B 8 20.29 -24.08 -20.03
C ALA B 8 19.59 -22.77 -19.67
N LYS B 9 18.38 -22.60 -20.21
CA LYS B 9 17.58 -21.40 -19.98
C LYS B 9 17.28 -21.08 -18.52
N ILE B 10 17.05 -22.11 -17.72
CA ILE B 10 16.77 -21.90 -16.31
C ILE B 10 18.01 -21.34 -15.65
N ASP B 11 19.14 -21.97 -15.93
CA ASP B 11 20.43 -21.57 -15.38
C ASP B 11 20.63 -20.09 -15.65
N GLU B 12 20.49 -19.71 -16.91
CA GLU B 12 20.64 -18.32 -17.30
C GLU B 12 19.72 -17.41 -16.51
N LEU B 13 18.48 -17.82 -16.35
CA LEU B 13 17.46 -17.06 -15.66
C LEU B 13 17.76 -16.79 -14.19
N ILE B 14 18.17 -17.84 -13.48
CA ILE B 14 18.44 -17.67 -12.06
C ILE B 14 19.76 -16.97 -11.78
N ASN B 15 20.63 -16.91 -12.78
CA ASN B 15 21.90 -16.25 -12.60
C ASN B 15 21.82 -14.81 -13.03
N ASN B 16 20.63 -14.31 -13.30
CA ASN B 16 20.49 -12.93 -13.69
C ASN B 16 19.50 -12.18 -12.83
N ASP B 17 19.54 -10.86 -12.91
CA ASP B 17 18.60 -10.07 -12.16
C ASP B 17 17.24 -10.35 -12.79
N PRO B 18 16.15 -10.11 -12.04
CA PRO B 18 14.88 -10.39 -12.71
C PRO B 18 14.76 -9.47 -13.93
N VAL B 19 14.22 -10.00 -15.02
CA VAL B 19 14.05 -9.24 -16.24
C VAL B 19 12.88 -8.28 -16.08
N TRP B 20 13.05 -7.06 -16.61
CA TRP B 20 12.01 -6.02 -16.57
C TRP B 20 12.26 -4.96 -17.66
N SER B 21 11.36 -4.89 -18.62
CA SER B 21 11.49 -3.95 -19.73
C SER B 21 10.73 -2.69 -19.40
N SER B 22 10.82 -1.69 -20.27
CA SER B 22 10.11 -0.44 -20.06
C SER B 22 8.65 -0.62 -20.45
N GLN B 23 8.40 -1.49 -21.43
CA GLN B 23 7.01 -1.76 -21.82
C GLN B 23 6.31 -2.20 -20.52
N ASN B 24 6.95 -3.09 -19.78
CA ASN B 24 6.42 -3.55 -18.50
C ASN B 24 6.20 -2.35 -17.57
N GLU B 25 7.22 -1.49 -17.44
CA GLU B 25 7.12 -0.30 -16.62
C GLU B 25 5.91 0.53 -17.02
N SER B 26 5.63 0.57 -18.32
CA SER B 26 4.48 1.34 -18.80
C SER B 26 3.18 0.71 -18.38
N LEU B 27 3.09 -0.61 -18.43
CA LEU B 27 1.87 -1.27 -18.04
C LEU B 27 1.49 -0.90 -16.61
N ILE B 28 2.43 -1.12 -15.71
CA ILE B 28 2.22 -0.86 -14.32
C ILE B 28 2.01 0.59 -13.92
N SER B 29 2.42 1.52 -14.80
CA SER B 29 2.28 2.95 -14.53
C SER B 29 0.95 3.54 -14.95
N LYS B 30 0.28 2.85 -15.87
CA LYS B 30 -1.01 3.33 -16.36
C LYS B 30 -1.91 3.99 -15.31
N PRO B 31 -2.12 3.32 -14.16
CA PRO B 31 -2.98 3.87 -13.10
C PRO B 31 -2.44 5.14 -12.49
N TYR B 32 -1.14 5.26 -12.45
CA TYR B 32 -0.51 6.45 -11.88
C TYR B 32 -0.55 7.58 -12.89
N ASN B 33 -0.30 7.26 -14.16
CA ASN B 33 -0.29 8.27 -15.20
C ASN B 33 -1.65 8.88 -15.33
N HIS B 34 -2.67 8.08 -15.13
CA HIS B 34 -4.03 8.58 -15.24
C HIS B 34 -4.34 9.73 -14.28
N ILE B 35 -3.75 9.70 -13.07
CA ILE B 35 -4.03 10.74 -12.08
C ILE B 35 -3.17 11.99 -12.22
N LEU B 36 -2.17 11.95 -13.09
CA LEU B 36 -1.31 13.09 -13.32
C LEU B 36 -2.11 14.14 -14.08
N LEU B 37 -2.85 13.69 -15.10
CA LEU B 37 -3.68 14.59 -15.91
C LEU B 37 -4.38 15.69 -15.08
N PHE B 43 0.73 24.03 -8.41
CA PHE B 43 0.47 24.89 -7.22
C PHE B 43 1.27 24.42 -6.02
N ARG B 44 1.45 23.11 -5.92
CA ARG B 44 2.20 22.51 -4.83
C ARG B 44 3.69 22.78 -5.03
N LEU B 45 4.17 22.59 -6.25
CA LEU B 45 5.57 22.84 -6.58
C LEU B 45 5.91 24.30 -6.37
N ASN B 46 4.89 25.15 -6.39
CA ASN B 46 5.06 26.57 -6.17
C ASN B 46 5.37 26.75 -4.68
N LEU B 47 4.61 26.06 -3.83
CA LEU B 47 4.83 26.14 -2.41
C LEU B 47 6.23 25.63 -2.04
N ILE B 48 6.69 24.60 -2.73
CA ILE B 48 8.02 24.05 -2.47
C ILE B 48 9.10 25.04 -2.93
N VAL B 49 8.89 25.62 -4.10
CA VAL B 49 9.84 26.58 -4.62
C VAL B 49 9.93 27.72 -3.61
N GLN B 50 8.76 28.25 -3.26
CA GLN B 50 8.71 29.34 -2.30
C GLN B 50 9.47 29.02 -1.01
N ILE B 51 9.22 27.87 -0.41
CA ILE B 51 9.92 27.48 0.82
C ILE B 51 11.43 27.47 0.69
N ASN B 52 11.91 27.07 -0.49
CA ASN B 52 13.35 26.99 -0.69
C ASN B 52 14.10 28.30 -0.43
N ARG B 53 13.41 29.43 -0.60
CA ARG B 53 14.03 30.73 -0.37
C ARG B 53 14.75 30.77 0.96
N VAL B 54 14.21 30.06 1.94
CA VAL B 54 14.83 30.01 3.25
C VAL B 54 15.72 28.78 3.37
N MET B 55 15.44 27.78 2.56
CA MET B 55 16.21 26.54 2.63
C MET B 55 17.41 26.54 1.71
N ASN B 56 17.25 27.14 0.54
CA ASN B 56 18.33 27.24 -0.43
C ASN B 56 18.93 25.92 -0.86
N LEU B 57 18.09 25.04 -1.38
CA LEU B 57 18.55 23.76 -1.87
C LEU B 57 18.88 24.04 -3.33
N PRO B 58 19.93 23.42 -3.87
CA PRO B 58 20.27 23.65 -5.27
C PRO B 58 19.20 23.16 -6.25
N LYS B 59 18.64 24.07 -7.05
CA LYS B 59 17.63 23.72 -8.05
C LYS B 59 18.11 22.47 -8.81
N ASP B 60 17.70 21.30 -8.29
CA ASP B 60 18.08 20.01 -8.87
C ASP B 60 17.87 18.99 -7.78
N GLN B 61 18.38 19.30 -6.60
CA GLN B 61 18.21 18.46 -5.43
C GLN B 61 16.78 18.76 -5.03
N LEU B 62 16.32 19.94 -5.42
CA LEU B 62 14.97 20.40 -5.13
C LEU B 62 13.98 19.72 -6.07
N ALA B 63 14.42 19.40 -7.28
CA ALA B 63 13.56 18.71 -8.23
C ALA B 63 13.27 17.32 -7.67
N ILE B 64 14.31 16.65 -7.20
CA ILE B 64 14.14 15.32 -6.64
C ILE B 64 13.15 15.31 -5.50
N VAL B 65 13.39 16.16 -4.48
CA VAL B 65 12.50 16.28 -3.33
C VAL B 65 11.11 16.44 -3.90
N SER B 66 11.00 17.32 -4.87
CA SER B 66 9.74 17.58 -5.52
C SER B 66 9.13 16.31 -6.12
N GLN B 67 9.96 15.47 -6.73
CA GLN B 67 9.44 14.24 -7.32
C GLN B 67 8.99 13.24 -6.28
N ILE B 68 9.74 13.16 -5.19
CA ILE B 68 9.41 12.25 -4.09
C ILE B 68 8.04 12.61 -3.55
N VAL B 69 7.87 13.88 -3.22
CA VAL B 69 6.62 14.38 -2.70
C VAL B 69 5.47 14.14 -3.66
N GLU B 70 5.71 14.31 -4.96
CA GLU B 70 4.65 14.11 -5.91
C GLU B 70 4.21 12.66 -6.00
N LEU B 71 5.19 11.75 -6.01
CA LEU B 71 4.90 10.31 -6.06
C LEU B 71 4.03 9.90 -4.88
N LEU B 72 4.44 10.34 -3.68
CA LEU B 72 3.73 10.02 -2.47
C LEU B 72 2.31 10.59 -2.50
N HIS B 73 2.24 11.89 -2.71
CA HIS B 73 0.97 12.57 -2.77
C HIS B 73 0.05 11.85 -3.74
N ASN B 74 0.41 11.81 -5.01
CA ASN B 74 -0.43 11.16 -6.00
C ASN B 74 -0.79 9.71 -5.65
N SER B 75 0.17 8.94 -5.15
CA SER B 75 -0.09 7.56 -4.78
C SER B 75 -1.12 7.45 -3.66
N SER B 76 -1.01 8.28 -2.64
CA SER B 76 -1.94 8.22 -1.53
C SER B 76 -3.34 8.64 -2.00
N LEU B 77 -3.42 9.45 -3.04
CA LEU B 77 -4.74 9.84 -3.54
C LEU B 77 -5.39 8.62 -4.19
N LEU B 78 -4.61 7.84 -4.95
CA LEU B 78 -5.14 6.65 -5.61
C LEU B 78 -5.64 5.69 -4.53
N ILE B 79 -4.83 5.44 -3.49
CA ILE B 79 -5.27 4.53 -2.43
C ILE B 79 -6.47 5.11 -1.66
N ASP B 80 -6.40 6.38 -1.31
CA ASP B 80 -7.50 7.02 -0.59
C ASP B 80 -8.82 6.96 -1.38
N ASP B 81 -8.76 7.04 -2.71
CA ASP B 81 -10.03 6.98 -3.43
C ASP B 81 -10.63 5.59 -3.38
N ILE B 82 -9.78 4.58 -3.32
CA ILE B 82 -10.24 3.21 -3.21
C ILE B 82 -10.86 3.05 -1.79
N GLU B 83 -10.17 3.56 -0.77
CA GLU B 83 -10.68 3.45 0.58
C GLU B 83 -11.96 4.29 0.82
N ASP B 84 -12.11 5.37 0.05
CA ASP B 84 -13.27 6.22 0.21
C ASP B 84 -14.33 5.93 -0.81
N ASN B 85 -14.11 4.92 -1.65
CA ASN B 85 -15.08 4.55 -2.68
C ASN B 85 -15.51 5.73 -3.53
N ALA B 86 -14.54 6.57 -3.90
CA ALA B 86 -14.77 7.77 -4.71
C ALA B 86 -14.87 7.51 -6.22
N PRO B 87 -15.93 8.01 -6.85
CA PRO B 87 -16.11 7.81 -8.29
C PRO B 87 -15.39 8.89 -9.10
N LEU B 88 -15.04 9.98 -8.44
CA LEU B 88 -14.39 11.10 -9.11
C LEU B 88 -13.27 11.78 -8.33
N ARG B 89 -12.23 12.15 -9.06
CA ARG B 89 -11.07 12.86 -8.52
C ARG B 89 -10.79 14.02 -9.48
N ARG B 90 -11.25 15.20 -9.08
CA ARG B 90 -11.11 16.42 -9.87
C ARG B 90 -11.80 16.25 -11.20
N GLY B 91 -13.12 16.05 -11.16
CA GLY B 91 -13.89 15.91 -12.36
C GLY B 91 -13.71 14.70 -13.26
N GLN B 92 -12.56 14.05 -13.22
CA GLN B 92 -12.44 12.89 -14.09
C GLN B 92 -12.67 11.60 -13.31
N THR B 93 -12.87 10.52 -14.04
CA THR B 93 -13.11 9.23 -13.41
C THR B 93 -11.88 8.72 -12.62
N THR B 94 -12.09 8.28 -11.38
CA THR B 94 -11.00 7.77 -10.53
C THR B 94 -10.33 6.57 -11.21
N SER B 95 -9.03 6.40 -10.99
CA SER B 95 -8.30 5.29 -11.60
C SER B 95 -8.82 3.86 -11.34
N HIS B 96 -9.21 3.55 -10.09
CA HIS B 96 -9.66 2.20 -9.78
C HIS B 96 -10.96 1.86 -10.47
N LEU B 97 -11.65 2.86 -11.02
CA LEU B 97 -12.88 2.53 -11.72
C LEU B 97 -12.50 2.20 -13.15
N ILE B 98 -11.37 2.71 -13.61
CA ILE B 98 -10.93 2.45 -14.98
C ILE B 98 -9.98 1.26 -15.07
N PHE B 99 -9.07 1.13 -14.10
CA PHE B 99 -8.07 0.06 -14.13
C PHE B 99 -8.31 -1.07 -13.13
N GLY B 100 -9.34 -0.91 -12.28
CA GLY B 100 -9.69 -1.91 -11.29
C GLY B 100 -8.95 -1.64 -9.99
N VAL B 101 -9.48 -2.14 -8.88
CA VAL B 101 -8.88 -1.94 -7.56
C VAL B 101 -7.51 -2.60 -7.41
N PRO B 102 -7.35 -3.85 -7.89
CA PRO B 102 -6.08 -4.57 -7.79
C PRO B 102 -4.87 -3.88 -8.39
N SER B 103 -4.97 -3.50 -9.67
CA SER B 103 -3.84 -2.84 -10.30
C SER B 103 -3.58 -1.48 -9.66
N THR B 104 -4.64 -0.77 -9.27
CA THR B 104 -4.46 0.53 -8.69
C THR B 104 -3.76 0.45 -7.35
N ILE B 105 -4.15 -0.49 -6.52
CA ILE B 105 -3.50 -0.66 -5.23
C ILE B 105 -2.04 -0.96 -5.47
N ASN B 106 -1.77 -1.90 -6.37
CA ASN B 106 -0.41 -2.28 -6.61
C ASN B 106 0.45 -1.16 -7.19
N THR B 107 -0.08 -0.44 -8.17
CA THR B 107 0.67 0.66 -8.78
C THR B 107 0.98 1.75 -7.74
N ALA B 108 0.00 2.07 -6.90
CA ALA B 108 0.21 3.10 -5.87
C ALA B 108 1.28 2.66 -4.85
N ASN B 109 1.26 1.40 -4.46
CA ASN B 109 2.25 0.90 -3.51
C ASN B 109 3.63 0.81 -4.21
N TYR B 110 3.63 0.49 -5.49
CA TYR B 110 4.88 0.42 -6.18
C TYR B 110 5.53 1.81 -6.16
N MET B 111 4.72 2.85 -6.35
CA MET B 111 5.24 4.20 -6.37
C MET B 111 5.79 4.63 -5.01
N TYR B 112 5.21 4.13 -3.92
CA TYR B 112 5.72 4.47 -2.60
C TYR B 112 7.21 4.11 -2.58
N PHE B 113 7.50 2.88 -3.02
CA PHE B 113 8.88 2.40 -3.04
C PHE B 113 9.77 3.06 -4.07
N ARG B 114 9.18 3.62 -5.12
CA ARG B 114 9.98 4.33 -6.12
C ARG B 114 10.38 5.64 -5.46
N ALA B 115 9.46 6.15 -4.65
CA ALA B 115 9.71 7.37 -3.91
C ALA B 115 10.79 7.08 -2.88
N MET B 116 10.70 5.92 -2.23
CA MET B 116 11.68 5.57 -1.23
C MET B 116 13.07 5.43 -1.84
N GLN B 117 13.11 5.13 -3.14
CA GLN B 117 14.39 4.95 -3.82
C GLN B 117 15.03 6.29 -4.26
N LEU B 118 14.20 7.29 -4.50
CA LEU B 118 14.69 8.60 -4.89
C LEU B 118 15.38 9.28 -3.71
N VAL B 119 15.04 8.82 -2.50
CA VAL B 119 15.63 9.37 -1.30
C VAL B 119 17.12 9.14 -1.27
N SER B 120 17.55 8.00 -1.82
CA SER B 120 18.96 7.67 -1.87
C SER B 120 19.73 8.61 -2.77
N GLN B 121 19.02 9.33 -3.63
CA GLN B 121 19.69 10.25 -4.54
C GLN B 121 19.67 11.72 -4.16
N LEU B 122 19.38 12.00 -2.89
CA LEU B 122 19.39 13.38 -2.45
C LEU B 122 20.79 13.66 -1.93
N THR B 123 21.43 12.65 -1.35
CA THR B 123 22.76 12.81 -0.80
C THR B 123 23.54 11.51 -0.77
N THR B 124 24.85 11.61 -0.61
CA THR B 124 25.70 10.44 -0.56
C THR B 124 26.41 10.42 0.78
N LYS B 125 26.08 11.40 1.62
CA LYS B 125 26.68 11.52 2.95
C LYS B 125 25.98 10.50 3.84
N GLU B 126 26.75 9.55 4.38
CA GLU B 126 26.19 8.45 5.21
C GLU B 126 25.32 8.80 6.40
N PRO B 127 25.63 9.90 7.12
CA PRO B 127 24.76 10.23 8.25
C PRO B 127 23.46 10.85 7.71
N LEU B 128 23.61 11.84 6.83
CA LEU B 128 22.49 12.56 6.22
C LEU B 128 21.49 11.63 5.52
N TYR B 129 21.95 10.48 5.04
CA TYR B 129 21.02 9.56 4.40
C TYR B 129 20.16 8.93 5.46
N HIS B 130 20.80 8.37 6.48
CA HIS B 130 20.10 7.73 7.58
C HIS B 130 19.03 8.67 8.16
N ASN B 131 19.31 9.96 8.15
CA ASN B 131 18.37 10.91 8.67
C ASN B 131 17.27 11.23 7.67
N LEU B 132 17.54 11.05 6.38
CA LEU B 132 16.50 11.31 5.38
C LEU B 132 15.54 10.13 5.36
N ILE B 133 16.08 8.92 5.44
CA ILE B 133 15.27 7.74 5.44
C ILE B 133 14.40 7.74 6.70
N THR B 134 15.01 8.07 7.83
CA THR B 134 14.27 8.12 9.07
C THR B 134 13.09 9.06 8.96
N ILE B 135 13.32 10.23 8.38
CA ILE B 135 12.27 11.24 8.20
C ILE B 135 11.18 10.69 7.30
N PHE B 136 11.59 10.12 6.18
CA PHE B 136 10.67 9.55 5.19
C PHE B 136 9.87 8.47 5.89
N ASN B 137 10.59 7.61 6.57
CA ASN B 137 9.99 6.52 7.32
C ASN B 137 8.92 7.02 8.31
N GLU B 138 9.35 7.86 9.26
CA GLU B 138 8.48 8.39 10.31
C GLU B 138 7.22 9.04 9.78
N GLU B 139 7.37 9.90 8.78
CA GLU B 139 6.19 10.56 8.25
C GLU B 139 5.23 9.65 7.52
N LEU B 140 5.75 8.64 6.82
CA LEU B 140 4.85 7.71 6.14
C LEU B 140 4.10 6.87 7.19
N ILE B 141 4.79 6.57 8.28
CA ILE B 141 4.17 5.83 9.36
C ILE B 141 3.07 6.66 10.03
N ASN B 142 3.32 7.96 10.22
CA ASN B 142 2.33 8.84 10.85
C ASN B 142 1.14 8.99 9.91
N LEU B 143 1.44 9.02 8.61
CA LEU B 143 0.39 9.17 7.62
C LEU B 143 -0.55 7.98 7.65
N HIS B 144 -0.01 6.78 7.74
CA HIS B 144 -0.87 5.62 7.79
C HIS B 144 -1.68 5.51 9.06
N ARG B 145 -1.13 5.99 10.18
CA ARG B 145 -1.85 5.95 11.45
C ARG B 145 -3.06 6.88 11.39
N GLY B 146 -2.84 8.09 10.89
CA GLY B 146 -3.94 9.03 10.80
C GLY B 146 -5.03 8.43 9.95
N GLN B 147 -4.64 7.93 8.78
CA GLN B 147 -5.57 7.33 7.86
C GLN B 147 -6.28 6.16 8.50
N GLY B 148 -5.53 5.35 9.23
CA GLY B 148 -6.13 4.20 9.87
C GLY B 148 -7.20 4.60 10.87
N LEU B 149 -6.94 5.65 11.63
CA LEU B 149 -7.89 6.10 12.62
C LEU B 149 -9.10 6.68 11.91
N ASP B 150 -8.84 7.52 10.91
CA ASP B 150 -9.91 8.17 10.15
C ASP B 150 -10.88 7.11 9.62
N ILE B 151 -10.34 6.07 8.99
CA ILE B 151 -11.14 4.97 8.42
C ILE B 151 -11.84 4.19 9.50
N TYR B 152 -11.11 3.91 10.57
CA TYR B 152 -11.68 3.16 11.66
C TYR B 152 -12.94 3.86 12.19
N TRP B 153 -12.82 5.14 12.53
CA TRP B 153 -13.98 5.85 13.04
C TRP B 153 -15.14 5.71 12.10
N ARG B 154 -14.86 5.95 10.81
CA ARG B 154 -15.87 5.88 9.77
C ARG B 154 -16.51 4.50 9.63
N ASP B 155 -15.70 3.47 9.62
CA ASP B 155 -16.23 2.13 9.45
C ASP B 155 -16.78 1.43 10.70
N PHE B 156 -16.43 1.91 11.88
CA PHE B 156 -16.98 1.30 13.09
C PHE B 156 -18.08 2.18 13.68
N LEU B 157 -18.40 3.28 13.02
CA LEU B 157 -19.47 4.14 13.51
C LEU B 157 -20.71 3.27 13.68
N PRO B 158 -21.44 3.44 14.79
CA PRO B 158 -21.14 4.41 15.84
C PRO B 158 -20.45 3.84 17.09
N GLU B 159 -19.53 2.90 16.94
CA GLU B 159 -18.90 2.39 18.16
C GLU B 159 -18.16 3.54 18.89
N ILE B 160 -17.45 4.38 18.14
CA ILE B 160 -16.68 5.48 18.70
C ILE B 160 -16.98 6.81 18.04
N ILE B 161 -17.36 7.80 18.81
CA ILE B 161 -17.61 9.10 18.22
C ILE B 161 -16.46 9.96 18.73
N PRO B 162 -15.56 10.34 17.82
CA PRO B 162 -14.42 11.16 18.25
C PRO B 162 -14.81 12.55 18.75
N THR B 163 -13.92 13.12 19.56
CA THR B 163 -14.08 14.47 20.09
C THR B 163 -13.19 15.38 19.23
N GLN B 164 -13.29 16.70 19.44
CA GLN B 164 -12.49 17.64 18.67
C GLN B 164 -11.00 17.35 18.84
N GLU B 165 -10.62 17.04 20.07
CA GLU B 165 -9.24 16.71 20.40
C GLU B 165 -8.82 15.47 19.59
N MET B 166 -9.58 14.39 19.71
CA MET B 166 -9.24 13.17 19.00
C MET B 166 -9.09 13.48 17.53
N TYR B 167 -10.08 14.19 16.97
CA TYR B 167 -10.06 14.55 15.55
C TYR B 167 -8.76 15.24 15.16
N LEU B 168 -8.42 16.31 15.87
CA LEU B 168 -7.22 17.08 15.59
C LEU B 168 -5.96 16.27 15.67
N ASN B 169 -5.90 15.27 16.54
CA ASN B 169 -4.69 14.45 16.61
C ASN B 169 -4.63 13.52 15.45
N MET B 170 -5.80 13.13 14.96
CA MET B 170 -5.85 12.27 13.80
C MET B 170 -5.27 13.09 12.63
N VAL B 171 -5.66 14.35 12.54
CA VAL B 171 -5.19 15.25 11.48
C VAL B 171 -3.67 15.47 11.53
N MET B 172 -3.14 15.62 12.75
CA MET B 172 -1.71 15.84 12.96
C MET B 172 -0.94 14.65 12.40
N ASN B 173 -1.52 13.46 12.49
CA ASN B 173 -0.88 12.27 11.97
C ASN B 173 -1.06 12.17 10.46
N LYS B 174 -2.31 12.22 10.00
CA LYS B 174 -2.62 12.11 8.57
C LYS B 174 -2.14 13.25 7.69
N THR B 175 -2.82 14.39 7.79
CA THR B 175 -2.49 15.57 7.01
C THR B 175 -1.09 16.11 7.35
N GLY B 176 -0.70 15.93 8.62
CA GLY B 176 0.60 16.39 9.05
C GLY B 176 1.75 15.60 8.48
N GLY B 177 1.50 14.33 8.18
CA GLY B 177 2.56 13.49 7.63
C GLY B 177 3.15 13.99 6.33
N LEU B 178 2.30 14.25 5.35
CA LEU B 178 2.74 14.69 4.03
C LEU B 178 3.31 16.11 4.03
N PHE B 179 2.81 16.95 4.92
CA PHE B 179 3.31 18.33 5.01
C PHE B 179 4.67 18.35 5.70
N ARG B 180 4.77 17.64 6.83
CA ARG B 180 6.02 17.57 7.57
C ARG B 180 7.11 16.85 6.79
N LEU B 181 6.74 15.80 6.08
CA LEU B 181 7.73 15.05 5.31
C LEU B 181 8.49 16.00 4.41
N THR B 182 7.75 16.78 3.65
CA THR B 182 8.34 17.74 2.73
C THR B 182 9.22 18.73 3.43
N LEU B 183 8.70 19.27 4.53
CA LEU B 183 9.45 20.26 5.28
C LEU B 183 10.68 19.72 6.01
N ARG B 184 10.57 18.52 6.58
CA ARG B 184 11.68 17.99 7.33
C ARG B 184 12.82 17.56 6.43
N LEU B 185 12.50 17.17 5.20
CA LEU B 185 13.53 16.77 4.26
C LEU B 185 14.29 18.01 3.87
N MET B 186 13.54 19.02 3.40
CA MET B 186 14.11 20.29 2.98
C MET B 186 15.00 20.90 4.06
N GLU B 187 14.49 20.95 5.29
CA GLU B 187 15.28 21.50 6.39
C GLU B 187 16.55 20.68 6.61
N ALA B 188 16.48 19.37 6.40
CA ALA B 188 17.66 18.56 6.64
C ALA B 188 18.71 18.70 5.52
N LEU B 189 18.25 19.00 4.30
CA LEU B 189 19.18 19.15 3.18
C LEU B 189 19.72 20.56 3.09
N SER B 190 19.03 21.50 3.74
CA SER B 190 19.43 22.90 3.71
C SER B 190 20.91 23.15 3.92
N PRO B 191 21.54 23.90 3.01
CA PRO B 191 22.96 24.21 3.13
C PRO B 191 23.14 25.43 4.03
N SER B 192 22.11 26.28 4.05
CA SER B 192 22.08 27.52 4.84
C SER B 192 22.50 27.36 6.29
N HIS B 197 14.49 29.60 13.03
CA HIS B 197 13.60 28.67 13.76
C HIS B 197 12.90 27.71 12.78
N SER B 198 12.83 26.44 13.14
CA SER B 198 12.20 25.41 12.33
C SER B 198 10.80 25.85 11.91
N LEU B 199 10.37 25.41 10.73
CA LEU B 199 9.04 25.77 10.26
C LEU B 199 8.06 24.61 10.43
N VAL B 200 8.47 23.58 11.15
CA VAL B 200 7.60 22.43 11.35
C VAL B 200 6.31 22.80 12.07
N PRO B 201 6.39 23.67 13.10
CA PRO B 201 5.18 24.07 13.81
C PRO B 201 4.24 24.78 12.86
N PHE B 202 4.83 25.58 11.97
CA PHE B 202 4.04 26.30 11.00
C PHE B 202 3.40 25.35 9.98
N ILE B 203 4.15 24.34 9.52
CA ILE B 203 3.58 23.40 8.56
C ILE B 203 2.44 22.60 9.20
N ASN B 204 2.58 22.27 10.48
CA ASN B 204 1.54 21.53 11.20
C ASN B 204 0.20 22.30 11.23
N LEU B 205 0.27 23.59 11.55
CA LEU B 205 -0.91 24.44 11.62
C LEU B 205 -1.52 24.52 10.24
N LEU B 206 -0.63 24.59 9.24
CA LEU B 206 -1.07 24.67 7.87
C LEU B 206 -1.91 23.44 7.53
N GLY B 207 -1.31 22.26 7.72
CA GLY B 207 -2.00 21.01 7.44
C GLY B 207 -3.38 21.02 8.07
N ILE B 208 -3.46 21.49 9.31
CA ILE B 208 -4.74 21.53 9.99
C ILE B 208 -5.72 22.49 9.32
N ILE B 209 -5.25 23.66 8.94
CA ILE B 209 -6.13 24.61 8.26
C ILE B 209 -6.60 23.93 6.97
N TYR B 210 -5.67 23.33 6.25
CA TYR B 210 -6.01 22.66 5.02
C TYR B 210 -7.06 21.55 5.21
N GLN B 211 -6.88 20.68 6.20
CA GLN B 211 -7.84 19.59 6.39
C GLN B 211 -9.19 20.07 6.88
N ILE B 212 -9.21 20.94 7.88
CA ILE B 212 -10.49 21.39 8.35
C ILE B 212 -11.21 22.11 7.23
N ARG B 213 -10.46 22.83 6.42
CA ARG B 213 -11.02 23.56 5.26
C ARG B 213 -11.55 22.56 4.21
N ASP B 214 -10.81 21.49 3.94
CA ASP B 214 -11.23 20.45 3.00
C ASP B 214 -12.64 19.96 3.41
N ASP B 215 -12.77 19.57 4.68
CA ASP B 215 -14.05 19.08 5.21
C ASP B 215 -15.11 20.16 5.14
N TYR B 216 -14.72 21.39 5.47
CA TYR B 216 -15.66 22.50 5.44
C TYR B 216 -16.19 22.73 4.02
N LEU B 217 -15.27 22.95 3.08
CA LEU B 217 -15.66 23.20 1.69
C LEU B 217 -16.55 22.13 1.09
N ASN B 218 -16.29 20.87 1.42
CA ASN B 218 -17.06 19.74 0.92
C ASN B 218 -18.58 19.91 1.06
N LEU B 219 -19.02 20.36 2.23
CA LEU B 219 -20.43 20.58 2.52
C LEU B 219 -20.95 21.92 1.99
N LYS B 220 -20.14 22.97 2.17
CA LYS B 220 -20.47 24.32 1.74
C LYS B 220 -20.66 24.49 0.23
N ASP B 221 -19.86 23.80 -0.58
CA ASP B 221 -19.96 23.92 -2.03
C ASP B 221 -21.30 23.35 -2.51
N PHE B 222 -21.83 22.40 -1.74
CA PHE B 222 -23.09 21.75 -2.06
C PHE B 222 -24.27 22.64 -1.66
N GLN B 223 -24.16 23.23 -0.48
CA GLN B 223 -25.15 24.12 0.08
C GLN B 223 -25.34 25.34 -0.86
N PHE B 230 -21.00 17.97 -4.51
CA PHE B 230 -21.91 16.81 -4.23
C PHE B 230 -21.90 16.36 -2.76
N ALA B 231 -20.98 16.91 -1.97
CA ALA B 231 -20.86 16.57 -0.55
C ALA B 231 -20.61 15.08 -0.33
N GLU B 232 -19.68 14.53 -1.12
CA GLU B 232 -19.35 13.12 -1.05
C GLU B 232 -19.00 12.66 0.37
N ASP B 233 -18.46 13.57 1.19
CA ASP B 233 -18.09 13.20 2.55
C ASP B 233 -19.24 12.59 3.32
N ILE B 234 -20.44 13.11 3.07
CA ILE B 234 -21.64 12.60 3.71
C ILE B 234 -21.87 11.19 3.18
N THR B 235 -21.89 11.06 1.85
CA THR B 235 -22.09 9.77 1.24
C THR B 235 -21.06 8.77 1.79
N GLU B 236 -19.84 9.26 2.01
CA GLU B 236 -18.75 8.43 2.52
C GLU B 236 -18.98 8.06 4.00
N GLY B 237 -19.72 8.90 4.72
CA GLY B 237 -20.01 8.65 6.12
C GLY B 237 -18.89 9.08 7.07
N LYS B 238 -18.00 9.92 6.56
CA LYS B 238 -16.83 10.44 7.24
C LYS B 238 -17.05 11.31 8.49
N LEU B 239 -16.18 11.14 9.48
CA LEU B 239 -16.25 11.92 10.69
C LEU B 239 -15.55 13.25 10.48
N SER B 240 -16.09 14.04 9.53
CA SER B 240 -15.54 15.34 9.19
C SER B 240 -15.61 16.29 10.39
N PHE B 241 -14.81 17.37 10.35
CA PHE B 241 -14.77 18.34 11.45
C PHE B 241 -16.13 18.92 11.82
N PRO B 242 -17.00 19.19 10.84
CA PRO B 242 -18.30 19.75 11.23
C PRO B 242 -19.18 18.70 11.87
N ILE B 243 -19.01 17.45 11.42
CA ILE B 243 -19.80 16.34 11.94
C ILE B 243 -19.35 16.06 13.38
N VAL B 244 -18.05 16.10 13.61
CA VAL B 244 -17.55 15.86 14.95
C VAL B 244 -18.13 16.90 15.90
N HIS B 245 -18.25 18.13 15.42
CA HIS B 245 -18.82 19.20 16.21
C HIS B 245 -20.28 18.89 16.46
N ALA B 246 -21.05 18.72 15.38
CA ALA B 246 -22.47 18.42 15.50
C ALA B 246 -22.71 17.27 16.50
N LEU B 247 -22.04 16.15 16.29
CA LEU B 247 -22.23 15.00 17.16
C LEU B 247 -21.99 15.30 18.63
N ASN B 248 -20.92 16.00 18.97
CA ASN B 248 -20.66 16.31 20.37
C ASN B 248 -21.54 17.46 20.89
N PHE B 249 -22.06 18.28 19.99
CA PHE B 249 -22.91 19.41 20.35
C PHE B 249 -24.27 18.88 20.80
N THR B 250 -24.85 17.95 20.04
CA THR B 250 -26.14 17.39 20.40
C THR B 250 -26.03 16.47 21.63
N LYS B 251 -24.89 15.79 21.77
CA LYS B 251 -24.74 14.92 22.93
C LYS B 251 -24.69 15.78 24.20
N THR B 252 -24.00 16.92 24.12
CA THR B 252 -23.87 17.83 25.25
C THR B 252 -25.20 18.48 25.64
N LYS B 253 -25.89 19.04 24.64
CA LYS B 253 -27.17 19.68 24.86
C LYS B 253 -28.27 18.62 25.05
N GLY B 254 -27.88 17.35 25.00
CA GLY B 254 -28.82 16.27 25.19
C GLY B 254 -29.90 16.14 24.15
N GLN B 255 -29.63 16.60 22.92
CA GLN B 255 -30.59 16.53 21.83
C GLN B 255 -30.57 15.14 21.19
N THR B 256 -31.19 14.20 21.90
CA THR B 256 -31.27 12.81 21.48
C THR B 256 -31.61 12.49 20.02
N GLU B 257 -32.78 12.93 19.56
CA GLU B 257 -33.21 12.66 18.19
C GLU B 257 -32.19 13.13 17.19
N GLN B 258 -31.88 14.42 17.27
CA GLN B 258 -30.92 15.04 16.35
C GLN B 258 -29.59 14.30 16.32
N HIS B 259 -29.11 13.88 17.47
CA HIS B 259 -27.86 13.15 17.53
C HIS B 259 -28.02 11.88 16.72
N ASN B 260 -29.09 11.17 16.97
CA ASN B 260 -29.33 9.93 16.26
C ASN B 260 -29.63 10.14 14.79
N GLU B 261 -30.25 11.26 14.46
CA GLU B 261 -30.56 11.52 13.06
C GLU B 261 -29.29 11.75 12.23
N ILE B 262 -28.29 12.40 12.84
CA ILE B 262 -27.04 12.66 12.16
C ILE B 262 -26.35 11.33 11.87
N LEU B 263 -26.35 10.48 12.89
CA LEU B 263 -25.76 9.15 12.78
C LEU B 263 -26.46 8.32 11.71
N ARG B 264 -27.78 8.40 11.70
CA ARG B 264 -28.57 7.66 10.74
C ARG B 264 -28.23 8.02 9.31
N ILE B 265 -28.06 9.30 9.04
CA ILE B 265 -27.74 9.69 7.68
C ILE B 265 -26.34 9.23 7.26
N LEU B 266 -25.35 9.45 8.13
CA LEU B 266 -24.00 9.04 7.81
C LEU B 266 -23.98 7.54 7.53
N LEU B 267 -24.75 6.80 8.32
CA LEU B 267 -24.81 5.34 8.18
C LEU B 267 -25.52 4.84 6.96
N LEU B 268 -26.18 5.75 6.24
CA LEU B 268 -26.90 5.38 5.03
C LEU B 268 -25.96 5.28 3.83
N ARG B 269 -24.79 5.91 3.92
CA ARG B 269 -23.87 5.93 2.79
C ARG B 269 -24.75 6.31 1.58
N THR B 270 -25.47 7.41 1.71
CA THR B 270 -26.38 7.87 0.64
C THR B 270 -25.86 8.87 -0.39
N SER B 271 -26.49 8.86 -1.56
CA SER B 271 -26.16 9.77 -2.65
C SER B 271 -27.38 10.62 -2.86
N ASP B 272 -28.42 10.32 -2.08
CA ASP B 272 -29.69 11.03 -2.13
C ASP B 272 -29.49 12.51 -1.85
N LYS B 273 -29.62 13.32 -2.90
CA LYS B 273 -29.44 14.75 -2.79
C LYS B 273 -30.30 15.34 -1.69
N ASP B 274 -31.53 14.85 -1.57
CA ASP B 274 -32.47 15.34 -0.57
C ASP B 274 -32.05 14.99 0.85
N ILE B 275 -31.56 13.77 1.03
CA ILE B 275 -31.16 13.36 2.36
C ILE B 275 -29.88 14.10 2.74
N LYS B 276 -29.01 14.37 1.76
CA LYS B 276 -27.78 15.10 2.07
C LYS B 276 -28.17 16.49 2.57
N LEU B 277 -29.12 17.11 1.86
CA LEU B 277 -29.59 18.43 2.24
C LEU B 277 -30.06 18.48 3.68
N LYS B 278 -30.83 17.50 4.10
CA LYS B 278 -31.37 17.43 5.46
C LYS B 278 -30.28 17.43 6.52
N LEU B 279 -29.27 16.57 6.35
CA LEU B 279 -28.18 16.53 7.33
C LEU B 279 -27.55 17.91 7.43
N ILE B 280 -27.40 18.55 6.28
CA ILE B 280 -26.81 19.88 6.27
C ILE B 280 -27.75 20.85 6.96
N GLN B 281 -29.05 20.67 6.74
CA GLN B 281 -30.05 21.52 7.39
C GLN B 281 -29.83 21.44 8.87
N ILE B 282 -29.59 20.22 9.36
CA ILE B 282 -29.36 20.01 10.78
C ILE B 282 -28.13 20.77 11.26
N LEU B 283 -27.04 20.68 10.52
CA LEU B 283 -25.81 21.37 10.91
C LEU B 283 -25.95 22.90 10.86
N GLU B 284 -26.71 23.40 9.90
CA GLU B 284 -26.88 24.83 9.75
C GLU B 284 -27.82 25.45 10.77
N PHE B 285 -28.95 24.78 11.01
CA PHE B 285 -29.97 25.27 11.93
C PHE B 285 -29.91 24.78 13.37
N ASP B 286 -29.68 23.49 13.55
CA ASP B 286 -29.68 22.94 14.89
C ASP B 286 -28.39 23.11 15.72
N THR B 287 -27.25 22.78 15.14
CA THR B 287 -25.98 22.86 15.85
C THR B 287 -25.12 24.04 15.42
N ASN B 288 -25.39 24.55 14.22
CA ASN B 288 -24.65 25.65 13.61
C ASN B 288 -23.18 25.27 13.48
N SER B 289 -22.97 23.98 13.23
CA SER B 289 -21.63 23.43 13.07
C SER B 289 -20.87 24.09 11.94
N LEU B 290 -21.53 24.31 10.80
CA LEU B 290 -20.86 24.97 9.67
C LEU B 290 -20.35 26.35 10.08
N ALA B 291 -21.14 27.06 10.87
CA ALA B 291 -20.73 28.39 11.32
C ALA B 291 -19.58 28.21 12.28
N TYR B 292 -19.69 27.22 13.15
CA TYR B 292 -18.65 26.97 14.14
C TYR B 292 -17.33 26.70 13.44
N THR B 293 -17.37 25.96 12.34
CA THR B 293 -16.16 25.62 11.59
C THR B 293 -15.55 26.81 10.86
N LYS B 294 -16.39 27.65 10.24
CA LYS B 294 -15.88 28.83 9.55
C LYS B 294 -15.12 29.68 10.56
N ASN B 295 -15.62 29.70 11.80
CA ASN B 295 -14.98 30.46 12.87
C ASN B 295 -13.66 29.84 13.25
N PHE B 296 -13.67 28.52 13.42
CA PHE B 296 -12.46 27.80 13.79
C PHE B 296 -11.32 28.09 12.79
N ILE B 297 -11.58 27.88 11.51
CA ILE B 297 -10.62 28.14 10.44
C ILE B 297 -10.03 29.55 10.58
N ASN B 298 -10.90 30.56 10.61
CA ASN B 298 -10.47 31.97 10.74
C ASN B 298 -9.49 32.16 11.89
N GLN B 299 -9.85 31.71 13.09
CA GLN B 299 -8.95 31.86 14.22
C GLN B 299 -7.56 31.30 13.92
N LEU B 300 -7.52 30.08 13.40
CA LEU B 300 -6.24 29.43 13.08
C LEU B 300 -5.44 30.33 12.17
N VAL B 301 -6.11 30.91 11.18
CA VAL B 301 -5.43 31.79 10.25
C VAL B 301 -4.90 33.03 10.96
N ASN B 302 -5.70 33.62 11.85
CA ASN B 302 -5.28 34.79 12.60
C ASN B 302 -4.02 34.44 13.40
N MET B 303 -3.94 33.22 13.91
CA MET B 303 -2.75 32.82 14.65
C MET B 303 -1.54 33.08 13.76
N ILE B 304 -1.77 33.11 12.45
CA ILE B 304 -0.70 33.35 11.49
C ILE B 304 -0.72 34.80 11.04
N LYS B 305 -1.91 35.30 10.69
CA LYS B 305 -2.08 36.68 10.26
C LYS B 305 -1.54 37.64 11.31
N ASN B 306 -1.94 37.44 12.56
CA ASN B 306 -1.49 38.32 13.62
C ASN B 306 -0.20 37.81 14.27
N ASP B 307 0.64 37.10 13.51
CA ASP B 307 1.88 36.58 14.07
C ASP B 307 3.00 37.58 13.98
N ASN B 308 2.93 38.59 14.84
CA ASN B 308 3.96 39.61 14.88
C ASN B 308 5.08 39.04 15.76
N GLU B 309 6.31 39.25 15.30
CA GLU B 309 7.50 38.74 15.97
C GLU B 309 7.87 37.39 15.35
N ASN B 310 7.01 36.92 14.46
CA ASN B 310 7.23 35.67 13.75
C ASN B 310 7.64 34.45 14.57
N LYS B 311 6.74 33.95 15.41
CA LYS B 311 7.06 32.77 16.20
C LYS B 311 6.83 31.58 15.29
N TYR B 312 5.89 31.73 14.37
CA TYR B 312 5.51 30.69 13.44
C TYR B 312 6.03 30.99 12.04
N LEU B 313 5.92 32.25 11.64
CA LEU B 313 6.38 32.67 10.33
C LEU B 313 7.90 32.78 10.30
N PRO B 314 8.48 32.75 9.09
CA PRO B 314 9.93 32.84 8.97
C PRO B 314 10.41 34.23 9.37
#